data_5UUP
#
_entry.id   5UUP
#
_cell.length_a   43.395
_cell.length_b   43.493
_cell.length_c   47.068
_cell.angle_alpha   90.000
_cell.angle_beta   114.780
_cell.angle_gamma   90.000
#
_symmetry.space_group_name_H-M   'P 1 21 1'
#
loop_
_entity.id
_entity.type
_entity.pdbx_description
1 polymer 'Bcl-2-related protein A1'
2 polymer 'Bfl-1-specific selected peptide'
3 non-polymer 'SULFATE ION'
4 water water
#
loop_
_entity_poly.entity_id
_entity_poly.type
_entity_poly.pdbx_seq_one_letter_code
_entity_poly.pdbx_strand_id
1 'polypeptide(L)'
;GMTDCEFGYIYRLAQDYLQCVLQIPQPGSGPSKTSRVLQNVAFSVQKEVEKNLKSCLDNVNVVSVDTARTLFNQVMEKEF
EDGIINWGRIVTIFAFEGILIKKLLRQQIAPDVDTYKEISYFVAEFIMNNTGEWIRQNGGWENGFVKKFEPK
;
A
2 'polypeptide(L)' (AKR)GVREIAYGLRRAADDVNAQVER(NH2) B
#
# COMPACT_ATOMS: atom_id res chain seq x y z
N GLY A 1 -7.53 17.68 -2.57
CA GLY A 1 -8.55 18.36 -1.78
C GLY A 1 -9.08 17.49 -0.65
N MET A 2 -10.24 17.87 -0.11
CA MET A 2 -10.86 17.10 0.95
C MET A 2 -11.58 15.86 0.43
N THR A 3 -11.96 15.85 -0.85
CA THR A 3 -12.69 14.73 -1.42
C THR A 3 -11.77 13.58 -1.80
N ASP A 4 -10.45 13.76 -1.74
CA ASP A 4 -9.54 12.69 -2.17
C ASP A 4 -9.54 11.50 -1.21
N CYS A 5 -10.26 11.57 -0.09
CA CYS A 5 -10.42 10.41 0.79
CA CYS A 5 -10.43 10.42 0.79
C CYS A 5 -11.62 9.56 0.41
N GLU A 6 -12.29 9.88 -0.70
CA GLU A 6 -13.40 9.05 -1.15
C GLU A 6 -12.86 7.80 -1.83
N PHE A 7 -13.69 6.76 -1.85
CA PHE A 7 -13.23 5.44 -2.27
C PHE A 7 -12.61 5.47 -3.67
N GLY A 8 -13.26 6.17 -4.61
CA GLY A 8 -12.80 6.14 -5.98
C GLY A 8 -11.36 6.64 -6.13
N TYR A 9 -11.01 7.69 -5.39
CA TYR A 9 -9.66 8.24 -5.47
C TYR A 9 -8.64 7.24 -4.90
N ILE A 10 -8.96 6.63 -3.77
CA ILE A 10 -8.02 5.69 -3.14
C ILE A 10 -7.87 4.44 -4.00
N TYR A 11 -8.98 3.95 -4.56
CA TYR A 11 -8.94 2.80 -5.45
C TYR A 11 -8.02 3.06 -6.63
N ARG A 12 -8.08 4.25 -7.21
CA ARG A 12 -7.21 4.57 -8.34
C ARG A 12 -5.74 4.57 -7.91
N LEU A 13 -5.45 5.10 -6.72
CA LEU A 13 -4.08 5.07 -6.22
C LEU A 13 -3.58 3.64 -6.06
N ALA A 14 -4.40 2.78 -5.46
CA ALA A 14 -3.99 1.41 -5.23
C ALA A 14 -3.82 0.65 -6.54
N GLN A 15 -4.71 0.90 -7.51
CA GLN A 15 -4.59 0.25 -8.80
C GLN A 15 -3.38 0.78 -9.57
N ASP A 16 -3.15 2.09 -9.54
CA ASP A 16 -1.97 2.67 -10.15
C ASP A 16 -0.69 2.00 -9.64
N TYR A 17 -0.60 1.76 -8.33
CA TYR A 17 0.63 1.19 -7.81
C TYR A 17 0.82 -0.25 -8.25
N LEU A 18 -0.26 -1.05 -8.28
CA LEU A 18 -0.10 -2.42 -8.73
C LEU A 18 0.25 -2.48 -10.21
N GLN A 19 -0.30 -1.57 -11.02
CA GLN A 19 0.07 -1.51 -12.43
C GLN A 19 1.53 -1.09 -12.60
N CYS A 20 2.02 -0.24 -11.71
CA CYS A 20 3.45 0.08 -11.73
C CYS A 20 4.28 -1.16 -11.44
N VAL A 21 3.92 -1.90 -10.39
CA VAL A 21 4.69 -3.09 -10.01
C VAL A 21 4.64 -4.14 -11.11
N LEU A 22 3.47 -4.32 -11.73
CA LEU A 22 3.31 -5.31 -12.80
C LEU A 22 3.82 -4.81 -14.15
N GLN A 23 4.27 -3.57 -14.22
CA GLN A 23 4.82 -2.98 -15.46
C GLN A 23 3.76 -2.94 -16.56
N ILE A 24 2.51 -2.66 -16.18
CA ILE A 24 1.43 -2.45 -17.15
C ILE A 24 0.75 -1.12 -16.85
N PRO A 25 1.49 -0.01 -16.82
CA PRO A 25 0.84 1.29 -16.62
C PRO A 25 -0.12 1.59 -17.78
N GLN A 26 -1.30 2.10 -17.44
CA GLN A 26 -2.29 2.39 -18.46
C GLN A 26 -1.85 3.62 -19.27
N PRO A 27 -2.20 3.65 -20.55
CA PRO A 27 -1.79 4.77 -21.40
C PRO A 27 -2.69 5.98 -21.19
N GLY A 28 -2.33 7.08 -21.85
CA GLY A 28 -3.08 8.31 -21.75
C GLY A 28 -2.35 9.39 -21.00
N SER A 29 -3.09 10.20 -20.24
CA SER A 29 -2.48 11.30 -19.50
C SER A 29 -1.38 10.82 -18.57
N GLY A 30 -1.56 9.64 -17.98
CA GLY A 30 -0.62 9.13 -17.01
C GLY A 30 -1.11 9.37 -15.59
N PRO A 31 -0.40 8.82 -14.61
CA PRO A 31 -0.85 8.93 -13.21
C PRO A 31 -0.79 10.36 -12.71
N SER A 32 -1.57 10.62 -11.66
CA SER A 32 -1.63 11.92 -11.04
C SER A 32 -0.32 12.20 -10.28
N LYS A 33 -0.14 13.48 -9.93
CA LYS A 33 1.05 13.85 -9.15
C LYS A 33 1.12 13.06 -7.86
N THR A 34 -0.01 12.88 -7.18
CA THR A 34 -0.03 12.07 -5.97
C THR A 34 0.50 10.68 -6.25
N SER A 35 -0.03 10.02 -7.28
CA SER A 35 0.40 8.67 -7.61
C SER A 35 1.88 8.65 -7.99
N ARG A 36 2.35 9.66 -8.71
CA ARG A 36 3.76 9.70 -9.10
C ARG A 36 4.67 9.78 -7.88
N VAL A 37 4.31 10.62 -6.90
CA VAL A 37 5.09 10.70 -5.68
C VAL A 37 4.99 9.39 -4.90
N LEU A 38 3.79 8.84 -4.80
CA LEU A 38 3.59 7.63 -4.00
C LEU A 38 4.37 6.45 -4.56
N GLN A 39 4.40 6.29 -5.89
CA GLN A 39 5.04 5.11 -6.47
C GLN A 39 6.53 5.04 -6.10
N ASN A 40 7.21 6.19 -6.06
CA ASN A 40 8.62 6.18 -5.71
C ASN A 40 8.84 5.80 -4.24
N VAL A 41 8.06 6.39 -3.34
CA VAL A 41 8.26 6.15 -1.92
CA VAL A 41 8.26 6.15 -1.92
C VAL A 41 7.81 4.74 -1.54
N ALA A 42 6.68 4.29 -2.09
CA ALA A 42 6.18 2.96 -1.76
C ALA A 42 7.10 1.87 -2.31
N PHE A 43 7.65 2.08 -3.50
CA PHE A 43 8.54 1.06 -4.06
C PHE A 43 9.84 0.97 -3.26
N SER A 44 10.36 2.10 -2.79
CA SER A 44 11.53 2.07 -1.92
C SER A 44 11.27 1.22 -0.69
N VAL A 45 10.12 1.42 -0.05
CA VAL A 45 9.75 0.63 1.13
C VAL A 45 9.60 -0.83 0.75
N GLN A 46 8.93 -1.10 -0.38
CA GLN A 46 8.70 -2.49 -0.79
C GLN A 46 10.01 -3.25 -0.94
N LYS A 47 10.99 -2.67 -1.64
CA LYS A 47 12.28 -3.34 -1.81
C LYS A 47 12.93 -3.64 -0.48
N GLU A 48 12.91 -2.67 0.45
CA GLU A 48 13.56 -2.88 1.73
C GLU A 48 12.85 -3.97 2.53
N VAL A 49 11.52 -3.98 2.51
CA VAL A 49 10.77 -5.02 3.22
C VAL A 49 11.04 -6.39 2.60
N GLU A 50 11.03 -6.47 1.26
CA GLU A 50 11.31 -7.73 0.60
C GLU A 50 12.68 -8.27 1.00
N LYS A 51 13.66 -7.38 1.16
CA LYS A 51 15.00 -7.82 1.54
C LYS A 51 15.04 -8.27 2.99
N ASN A 52 14.47 -7.45 3.89
CA ASN A 52 14.61 -7.71 5.32
C ASN A 52 13.77 -8.91 5.77
N LEU A 53 12.61 -9.12 5.14
CA LEU A 53 11.70 -10.20 5.52
C LEU A 53 11.67 -11.30 4.47
N LYS A 54 12.78 -11.50 3.75
CA LYS A 54 12.80 -12.50 2.69
C LYS A 54 12.41 -13.87 3.21
N SER A 55 12.96 -14.27 4.36
CA SER A 55 12.70 -15.61 4.87
C SER A 55 11.22 -15.80 5.19
N CYS A 56 10.63 -14.86 5.92
CA CYS A 56 9.21 -14.96 6.25
C CYS A 56 8.36 -14.92 4.99
N LEU A 57 8.68 -14.02 4.05
CA LEU A 57 7.88 -13.90 2.84
C LEU A 57 8.06 -15.11 1.92
N ASP A 58 9.30 -15.53 1.70
CA ASP A 58 9.55 -16.74 0.92
C ASP A 58 8.77 -17.92 1.49
N ASN A 59 8.49 -17.89 2.80
CA ASN A 59 7.72 -18.95 3.45
C ASN A 59 6.23 -18.85 3.22
N VAL A 60 5.73 -17.74 2.69
CA VAL A 60 4.30 -17.53 2.48
C VAL A 60 3.92 -17.97 1.09
N ASN A 61 2.69 -18.48 0.96
CA ASN A 61 2.13 -18.89 -0.33
C ASN A 61 0.83 -18.15 -0.54
N VAL A 62 0.81 -17.21 -1.49
CA VAL A 62 -0.39 -16.45 -1.81
C VAL A 62 -0.99 -17.11 -3.06
N VAL A 63 -1.83 -18.12 -2.82
CA VAL A 63 -2.32 -18.97 -3.90
C VAL A 63 -3.67 -18.55 -4.46
N SER A 64 -4.30 -17.53 -3.88
CA SER A 64 -5.60 -17.09 -4.36
C SER A 64 -5.85 -15.67 -3.87
N VAL A 65 -6.84 -15.03 -4.48
CA VAL A 65 -7.23 -13.69 -4.05
C VAL A 65 -7.79 -13.75 -2.62
N ASP A 66 -8.53 -14.80 -2.30
CA ASP A 66 -9.09 -14.91 -0.95
C ASP A 66 -7.98 -15.07 0.09
N THR A 67 -6.94 -15.85 -0.23
CA THR A 67 -5.79 -15.93 0.67
C THR A 67 -5.06 -14.60 0.76
N ALA A 68 -4.94 -13.89 -0.38
CA ALA A 68 -4.34 -12.57 -0.35
C ALA A 68 -5.15 -11.62 0.53
N ARG A 69 -6.48 -11.64 0.41
CA ARG A 69 -7.32 -10.77 1.22
C ARG A 69 -7.24 -11.13 2.70
N THR A 70 -7.27 -12.42 3.02
CA THR A 70 -7.22 -12.83 4.42
C THR A 70 -5.86 -12.49 5.04
N LEU A 71 -4.78 -12.73 4.31
CA LEU A 71 -3.45 -12.38 4.80
C LEU A 71 -3.30 -10.87 4.93
N PHE A 72 -3.74 -10.12 3.93
CA PHE A 72 -3.69 -8.67 4.00
C PHE A 72 -4.41 -8.17 5.25
N ASN A 73 -5.63 -8.64 5.48
CA ASN A 73 -6.40 -8.18 6.64
C ASN A 73 -5.72 -8.56 7.95
N GLN A 74 -5.17 -9.78 8.02
CA GLN A 74 -4.49 -10.20 9.25
C GLN A 74 -3.25 -9.35 9.51
N VAL A 75 -2.48 -9.05 8.47
CA VAL A 75 -1.24 -8.28 8.64
C VAL A 75 -1.57 -6.83 8.99
N MET A 76 -2.52 -6.24 8.27
CA MET A 76 -2.90 -4.85 8.55
C MET A 76 -3.44 -4.72 9.95
N GLU A 77 -4.27 -5.66 10.39
CA GLU A 77 -4.82 -5.62 11.74
C GLU A 77 -3.71 -5.50 12.78
N LYS A 78 -2.66 -6.30 12.65
CA LYS A 78 -1.57 -6.27 13.62
C LYS A 78 -0.73 -5.00 13.49
N GLU A 79 -0.48 -4.55 12.25
CA GLU A 79 0.33 -3.35 12.08
C GLU A 79 -0.33 -2.13 12.73
N PHE A 80 -1.66 -2.04 12.67
CA PHE A 80 -2.38 -0.86 13.11
C PHE A 80 -3.07 -1.05 14.45
N GLU A 81 -2.86 -2.18 15.13
CA GLU A 81 -3.62 -2.49 16.34
C GLU A 81 -3.36 -1.49 17.46
N ASP A 82 -2.26 -0.75 17.40
CA ASP A 82 -1.94 0.22 18.43
C ASP A 82 -2.64 1.57 18.23
N GLY A 83 -3.52 1.67 17.23
CA GLY A 83 -4.29 2.87 17.02
C GLY A 83 -3.53 4.03 16.42
N ILE A 84 -2.26 3.87 16.09
CA ILE A 84 -1.46 4.95 15.52
C ILE A 84 -1.61 4.92 14.01
N ILE A 85 -1.79 6.09 13.43
CA ILE A 85 -1.81 6.26 11.97
C ILE A 85 -0.84 7.38 11.62
N ASN A 86 -0.05 7.16 10.57
CA ASN A 86 0.81 8.21 10.03
C ASN A 86 1.08 7.88 8.57
N TRP A 87 1.71 8.82 7.86
CA TRP A 87 1.91 8.65 6.44
C TRP A 87 2.84 7.49 6.12
N GLY A 88 3.84 7.25 6.97
CA GLY A 88 4.72 6.12 6.76
C GLY A 88 3.97 4.79 6.74
N ARG A 89 3.03 4.62 7.69
CA ARG A 89 2.26 3.40 7.73
C ARG A 89 1.34 3.27 6.52
N ILE A 90 0.74 4.38 6.09
CA ILE A 90 -0.09 4.34 4.90
C ILE A 90 0.74 3.89 3.69
N VAL A 91 2.00 4.36 3.61
CA VAL A 91 2.87 3.94 2.51
C VAL A 91 3.09 2.43 2.54
N THR A 92 3.24 1.85 3.74
CA THR A 92 3.47 0.41 3.82
C THR A 92 2.26 -0.41 3.41
N ILE A 93 1.07 0.16 3.41
CA ILE A 93 -0.10 -0.54 2.87
C ILE A 93 0.11 -0.78 1.39
N PHE A 94 0.52 0.26 0.66
CA PHE A 94 0.77 0.12 -0.77
C PHE A 94 1.95 -0.82 -1.03
N ALA A 95 3.04 -0.67 -0.28
CA ALA A 95 4.16 -1.57 -0.42
C ALA A 95 3.74 -3.02 -0.24
N PHE A 96 2.88 -3.31 0.74
CA PHE A 96 2.51 -4.69 1.00
C PHE A 96 1.61 -5.23 -0.11
N GLU A 97 0.71 -4.41 -0.67
CA GLU A 97 -0.08 -4.91 -1.80
C GLU A 97 0.81 -5.19 -2.99
N GLY A 98 1.92 -4.46 -3.12
CA GLY A 98 2.88 -4.78 -4.18
C GLY A 98 3.56 -6.12 -3.94
N ILE A 99 3.92 -6.40 -2.69
CA ILE A 99 4.45 -7.72 -2.37
C ILE A 99 3.42 -8.81 -2.69
N LEU A 100 2.16 -8.57 -2.32
CA LEU A 100 1.12 -9.58 -2.55
C LEU A 100 0.92 -9.85 -4.03
N ILE A 101 0.88 -8.80 -4.86
CA ILE A 101 0.61 -9.05 -6.28
C ILE A 101 1.79 -9.79 -6.92
N LYS A 102 3.01 -9.52 -6.47
CA LYS A 102 4.16 -10.24 -7.01
C LYS A 102 4.11 -11.73 -6.66
N LYS A 103 3.72 -12.05 -5.43
CA LYS A 103 3.60 -13.46 -5.05
C LYS A 103 2.44 -14.13 -5.78
N LEU A 104 1.32 -13.42 -5.92
CA LEU A 104 0.19 -13.97 -6.68
C LEU A 104 0.61 -14.30 -8.10
N LEU A 105 1.38 -13.41 -8.74
CA LEU A 105 1.80 -13.62 -10.11
C LEU A 105 2.50 -14.97 -10.26
N ARG A 106 3.27 -15.37 -9.24
CA ARG A 106 3.99 -16.63 -9.29
C ARG A 106 3.18 -17.80 -8.76
N GLN A 107 2.29 -17.56 -7.78
CA GLN A 107 1.71 -18.64 -7.00
C GLN A 107 0.20 -18.82 -7.18
N GLN A 108 -0.49 -17.87 -7.80
CA GLN A 108 -1.94 -17.99 -7.92
C GLN A 108 -2.31 -19.25 -8.69
N ILE A 109 -3.19 -20.05 -8.10
CA ILE A 109 -3.57 -21.33 -8.70
C ILE A 109 -4.35 -21.11 -9.99
N ALA A 110 -5.36 -20.26 -9.94
CA ALA A 110 -6.17 -19.94 -11.12
C ALA A 110 -5.93 -18.49 -11.52
N PRO A 111 -4.82 -18.19 -12.19
CA PRO A 111 -4.49 -16.78 -12.45
C PRO A 111 -5.48 -16.14 -13.41
N ASP A 112 -5.83 -14.89 -13.12
CA ASP A 112 -6.81 -14.14 -13.88
C ASP A 112 -6.30 -12.71 -14.03
N VAL A 113 -6.50 -12.13 -15.22
CA VAL A 113 -5.90 -10.84 -15.54
C VAL A 113 -6.52 -9.69 -14.76
N ASP A 114 -7.69 -9.88 -14.15
CA ASP A 114 -8.30 -8.83 -13.35
C ASP A 114 -7.94 -8.95 -11.87
N THR A 115 -6.97 -9.79 -11.53
CA THR A 115 -6.65 -10.02 -10.13
C THR A 115 -6.23 -8.73 -9.44
N TYR A 116 -5.36 -7.94 -10.06
CA TYR A 116 -4.88 -6.74 -9.41
C TYR A 116 -6.01 -5.73 -9.17
N LYS A 117 -7.11 -5.82 -9.92
CA LYS A 117 -8.25 -4.96 -9.64
C LYS A 117 -8.94 -5.37 -8.35
N GLU A 118 -8.97 -6.67 -8.05
CA GLU A 118 -9.56 -7.14 -6.80
C GLU A 118 -8.70 -6.78 -5.61
N ILE A 119 -7.38 -6.96 -5.75
CA ILE A 119 -6.47 -6.64 -4.65
C ILE A 119 -6.58 -5.17 -4.30
N SER A 120 -6.46 -4.29 -5.30
CA SER A 120 -6.53 -2.87 -5.04
CA SER A 120 -6.53 -2.86 -5.05
C SER A 120 -7.88 -2.48 -4.44
N TYR A 121 -8.93 -3.25 -4.72
CA TYR A 121 -10.25 -2.92 -4.18
C TYR A 121 -10.27 -3.09 -2.67
N PHE A 122 -9.84 -4.26 -2.17
CA PHE A 122 -9.89 -4.43 -0.73
C PHE A 122 -8.78 -3.66 -0.02
N VAL A 123 -7.73 -3.25 -0.74
CA VAL A 123 -6.76 -2.33 -0.16
C VAL A 123 -7.39 -0.96 0.06
N ALA A 124 -8.11 -0.45 -0.94
CA ALA A 124 -8.83 0.81 -0.78
C ALA A 124 -9.90 0.69 0.30
N GLU A 125 -10.56 -0.46 0.37
CA GLU A 125 -11.53 -0.69 1.44
C GLU A 125 -10.90 -0.46 2.81
N PHE A 126 -9.72 -1.05 3.04
CA PHE A 126 -9.07 -0.90 4.34
C PHE A 126 -8.60 0.53 4.56
N ILE A 127 -7.99 1.15 3.55
CA ILE A 127 -7.47 2.50 3.71
C ILE A 127 -8.60 3.47 4.07
N MET A 128 -9.71 3.39 3.34
CA MET A 128 -10.79 4.33 3.57
C MET A 128 -11.43 4.12 4.94
N ASN A 129 -11.73 2.87 5.30
CA ASN A 129 -12.47 2.59 6.52
C ASN A 129 -11.61 2.74 7.77
N ASN A 130 -10.31 2.52 7.67
CA ASN A 130 -9.45 2.53 8.85
C ASN A 130 -8.55 3.75 8.96
N THR A 131 -8.25 4.45 7.85
CA THR A 131 -7.39 5.62 7.90
C THR A 131 -7.99 6.84 7.23
N GLY A 132 -9.17 6.71 6.62
CA GLY A 132 -9.73 7.83 5.87
C GLY A 132 -9.94 9.07 6.72
N GLU A 133 -10.45 8.88 7.95
CA GLU A 133 -10.67 10.01 8.84
C GLU A 133 -9.35 10.74 9.11
N TRP A 134 -8.30 9.98 9.45
CA TRP A 134 -7.01 10.59 9.74
C TRP A 134 -6.45 11.31 8.52
N ILE A 135 -6.57 10.70 7.34
CA ILE A 135 -6.04 11.32 6.13
C ILE A 135 -6.71 12.67 5.91
N ARG A 136 -8.04 12.73 6.06
CA ARG A 136 -8.76 13.99 5.89
CA ARG A 136 -8.76 13.99 5.88
C ARG A 136 -8.26 15.04 6.87
N GLN A 137 -8.19 14.67 8.15
CA GLN A 137 -7.76 15.63 9.17
C GLN A 137 -6.34 16.12 8.97
N ASN A 138 -5.53 15.42 8.18
CA ASN A 138 -4.13 15.78 8.00
C ASN A 138 -3.83 16.29 6.60
N GLY A 139 -4.84 16.80 5.90
CA GLY A 139 -4.65 17.48 4.64
C GLY A 139 -4.89 16.64 3.40
N GLY A 140 -5.35 15.41 3.55
CA GLY A 140 -5.59 14.59 2.39
C GLY A 140 -4.31 14.25 1.65
N TRP A 141 -4.49 13.75 0.43
CA TRP A 141 -3.33 13.34 -0.37
C TRP A 141 -2.61 14.54 -0.95
N GLU A 142 -3.35 15.57 -1.38
CA GLU A 142 -2.73 16.73 -2.01
C GLU A 142 -2.03 17.63 -1.00
N ASN A 143 -2.72 17.99 0.07
CA ASN A 143 -2.18 18.93 1.06
C ASN A 143 -1.51 18.25 2.23
N GLY A 144 -1.50 16.92 2.26
CA GLY A 144 -0.84 16.20 3.33
C GLY A 144 0.30 15.34 2.81
N PHE A 145 -0.05 14.26 2.10
CA PHE A 145 0.97 13.32 1.67
C PHE A 145 1.95 13.94 0.68
N VAL A 146 1.43 14.56 -0.39
CA VAL A 146 2.31 15.11 -1.42
C VAL A 146 3.19 16.21 -0.84
N LYS A 147 2.64 17.03 0.05
CA LYS A 147 3.43 18.13 0.62
C LYS A 147 4.60 17.62 1.44
N LYS A 148 4.44 16.48 2.11
CA LYS A 148 5.51 15.96 2.95
C LYS A 148 6.54 15.16 2.14
N PHE A 149 6.10 14.43 1.12
CA PHE A 149 6.96 13.48 0.43
C PHE A 149 7.47 13.94 -0.92
N GLU A 150 6.93 15.02 -1.48
CA GLU A 150 7.45 15.50 -2.76
C GLU A 150 8.87 16.03 -2.59
N PRO A 151 9.62 16.13 -3.68
CA PRO A 151 10.99 16.64 -3.58
C PRO A 151 11.03 18.04 -3.01
N LYS A 152 12.12 18.35 -2.31
CA LYS A 152 12.31 19.69 -1.75
C LYS A 152 12.90 20.62 -2.80
N GLY B 2 6.18 -15.27 9.87
CA GLY B 2 4.74 -15.35 9.92
C GLY B 2 4.06 -13.98 9.88
N VAL B 3 2.74 -13.98 10.09
CA VAL B 3 1.99 -12.73 10.10
C VAL B 3 2.63 -11.72 11.03
N ARG B 4 3.00 -12.16 12.23
CA ARG B 4 3.50 -11.24 13.25
C ARG B 4 4.79 -10.57 12.80
N GLU B 5 5.80 -11.36 12.44
CA GLU B 5 7.06 -10.77 11.97
C GLU B 5 6.84 -9.83 10.80
N ILE B 6 5.93 -10.19 9.88
CA ILE B 6 5.65 -9.34 8.72
C ILE B 6 5.02 -8.03 9.17
N ALA B 7 3.96 -8.12 9.99
CA ALA B 7 3.20 -6.93 10.35
C ALA B 7 4.05 -5.96 11.16
N TYR B 8 4.75 -6.45 12.18
CA TYR B 8 5.57 -5.57 12.99
C TYR B 8 6.85 -5.17 12.27
N GLY B 9 7.30 -5.98 11.32
CA GLY B 9 8.37 -5.52 10.44
C GLY B 9 7.91 -4.39 9.53
N LEU B 10 6.67 -4.47 9.05
CA LEU B 10 6.10 -3.36 8.29
C LEU B 10 5.96 -2.13 9.17
N ARG B 11 5.46 -2.30 10.39
CA ARG B 11 5.32 -1.16 11.29
C ARG B 11 6.65 -0.46 11.50
N ARG B 12 7.72 -1.24 11.73
CA ARG B 12 9.03 -0.65 11.95
C ARG B 12 9.51 0.12 10.72
N ALA B 13 9.33 -0.45 9.53
CA ALA B 13 9.74 0.24 8.31
C ALA B 13 8.93 1.52 8.10
N ALA B 14 7.66 1.50 8.50
CA ALA B 14 6.81 2.68 8.36
C ALA B 14 7.27 3.81 9.27
N ASP B 15 7.31 3.55 10.58
CA ASP B 15 7.66 4.59 11.54
C ASP B 15 9.04 5.18 11.25
N ASP B 16 9.92 4.40 10.62
CA ASP B 16 11.20 4.95 10.17
C ASP B 16 11.00 5.89 8.99
N VAL B 17 10.33 5.42 7.93
CA VAL B 17 9.98 6.28 6.81
C VAL B 17 9.35 7.58 7.32
N ASN B 18 8.34 7.46 8.18
CA ASN B 18 7.64 8.62 8.69
C ASN B 18 8.61 9.57 9.37
N ALA B 19 9.41 9.07 10.31
CA ALA B 19 10.32 9.92 11.06
C ALA B 19 11.32 10.63 10.15
N GLN B 20 11.67 10.03 9.01
CA GLN B 20 12.70 10.58 8.14
C GLN B 20 12.16 11.63 7.17
N VAL B 21 10.94 12.10 7.37
CA VAL B 21 10.43 13.27 6.65
C VAL B 21 9.71 14.18 7.63
N GLU B 22 9.84 13.90 8.93
CA GLU B 22 9.06 14.55 9.97
C GLU B 22 9.68 15.86 10.47
N ARG B 23 10.57 16.47 9.69
CA ARG B 23 11.19 17.72 10.11
C ARG B 23 10.17 18.85 10.13
#